data_8RPP
#
_entry.id   8RPP
#
_cell.length_a   68.470
_cell.length_b   68.470
_cell.length_c   177.259
_cell.angle_alpha   90.000
_cell.angle_beta   90.000
_cell.angle_gamma   120.000
#
_symmetry.space_group_name_H-M   'H 3'
#
loop_
_entity.id
_entity.type
_entity.pdbx_description
1 polymer 'C-Jun-amino-terminal kinase-interacting protein 2'
2 polymer 'C-Jun-amino-terminal kinase-interacting protein 1'
3 water water
#
loop_
_entity_poly.entity_id
_entity_poly.type
_entity_poly.pdbx_seq_one_letter_code
_entity_poly.pdbx_strand_id
1 'polypeptide(L)' GRREQTHRAVFRFIPRHPDELELDVDDPVLVEAEEDDFWFRGFNMRTGERGVFPAFYAHAVPG A,B,C
2 'polypeptide(L)' GHMEQTHRAIFRFVPRHEDELELEVDDPLLVELQAEDYWYEAYNMRTGARGVFPAYYAIEV D
#
# COMPACT_ATOMS: atom_id res chain seq x y z
N GLU A 4 -25.10 12.11 26.40
CA GLU A 4 -24.21 11.27 27.26
C GLU A 4 -23.35 10.38 26.36
N GLN A 5 -22.03 10.42 26.58
CA GLN A 5 -21.12 9.58 25.85
C GLN A 5 -21.31 8.13 26.30
N THR A 6 -21.32 7.21 25.34
CA THR A 6 -21.48 5.82 25.68
C THR A 6 -20.19 5.06 25.37
N HIS A 7 -19.42 5.49 24.35
CA HIS A 7 -18.31 4.68 23.85
C HIS A 7 -17.15 5.59 23.45
N ARG A 8 -16.02 4.96 23.20
CA ARG A 8 -14.85 5.66 22.70
C ARG A 8 -14.25 4.79 21.60
N ALA A 9 -13.88 5.42 20.48
CA ALA A 9 -13.36 4.70 19.33
C ALA A 9 -11.95 4.17 19.64
N VAL A 10 -11.67 2.94 19.20
CA VAL A 10 -10.40 2.29 19.51
C VAL A 10 -9.47 2.28 18.30
N PHE A 11 -10.01 2.66 17.13
CA PHE A 11 -9.31 2.43 15.86
C PHE A 11 -9.92 3.44 14.90
N ARG A 12 -9.11 3.91 13.95
CA ARG A 12 -9.60 4.86 12.97
C ARG A 12 -10.53 4.17 11.99
N PHE A 13 -11.69 4.78 11.75
CA PHE A 13 -12.68 4.30 10.80
C PHE A 13 -13.00 5.42 9.80
N ILE A 14 -12.63 5.19 8.53
CA ILE A 14 -12.85 6.16 7.48
C ILE A 14 -13.95 5.65 6.57
N PRO A 15 -15.06 6.40 6.42
CA PRO A 15 -16.19 5.96 5.62
C PRO A 15 -15.79 5.62 4.18
N ARG A 16 -16.32 4.50 3.72
CA ARG A 16 -16.41 4.18 2.31
C ARG A 16 -17.82 4.42 1.81
N HIS A 17 -18.78 4.58 2.72
CA HIS A 17 -20.18 4.58 2.35
C HIS A 17 -20.82 5.83 2.93
N PRO A 18 -21.72 6.49 2.20
CA PRO A 18 -22.21 7.80 2.61
C PRO A 18 -22.98 7.81 3.92
N ASP A 19 -23.47 6.66 4.41
CA ASP A 19 -24.23 6.63 5.66
C ASP A 19 -23.33 6.40 6.88
N GLU A 20 -22.02 6.28 6.63
CA GLU A 20 -21.10 5.91 7.71
C GLU A 20 -20.60 7.13 8.50
N LEU A 21 -20.24 6.86 9.76
CA LEU A 21 -19.71 7.83 10.68
C LEU A 21 -18.19 7.64 10.71
N GLU A 22 -17.44 8.69 10.38
CA GLU A 22 -16.00 8.69 10.55
C GLU A 22 -15.62 8.78 12.04
N LEU A 23 -14.66 7.95 12.39
CA LEU A 23 -14.09 7.89 13.73
C LEU A 23 -12.59 8.06 13.63
N ASP A 24 -12.01 8.88 14.49
CA ASP A 24 -10.59 8.78 14.73
C ASP A 24 -10.41 8.05 16.06
N VAL A 25 -9.21 7.49 16.24
N VAL A 25 -9.21 7.46 16.24
CA VAL A 25 -8.84 6.90 17.52
CA VAL A 25 -8.87 6.82 17.50
C VAL A 25 -9.16 7.87 18.63
C VAL A 25 -9.08 7.81 18.65
N ASP A 26 -9.77 7.34 19.69
CA ASP A 26 -10.08 8.05 20.93
C ASP A 26 -11.35 8.88 20.81
N ASP A 27 -12.01 8.93 19.64
CA ASP A 27 -13.14 9.84 19.54
C ASP A 27 -14.25 9.43 20.51
N PRO A 28 -14.88 10.40 21.21
CA PRO A 28 -16.06 10.10 22.02
C PRO A 28 -17.25 9.92 21.07
N VAL A 29 -18.02 8.86 21.37
CA VAL A 29 -19.17 8.52 20.55
C VAL A 29 -20.36 8.27 21.45
N LEU A 30 -21.51 8.77 21.03
CA LEU A 30 -22.77 8.43 21.65
C LEU A 30 -23.44 7.43 20.72
N VAL A 31 -23.58 6.20 21.20
CA VAL A 31 -24.19 5.17 20.38
C VAL A 31 -25.68 5.21 20.70
N GLU A 32 -26.47 5.41 19.67
CA GLU A 32 -27.91 5.56 19.81
C GLU A 32 -28.60 4.21 19.67
N ALA A 33 -28.13 3.36 18.74
CA ALA A 33 -28.87 2.15 18.42
C ALA A 33 -27.98 1.23 17.61
N GLU A 34 -28.43 -0.01 17.48
CA GLU A 34 -27.85 -0.93 16.54
C GLU A 34 -28.75 -0.93 15.33
N GLU A 35 -28.17 -0.82 14.13
CA GLU A 35 -28.98 -0.97 12.94
C GLU A 35 -28.80 -2.39 12.47
N ASP A 36 -28.25 -2.58 11.26
CA ASP A 36 -27.81 -3.91 10.85
C ASP A 36 -26.99 -4.51 11.99
N ASP A 37 -27.01 -5.84 12.09
CA ASP A 37 -26.36 -6.55 13.18
C ASP A 37 -24.90 -6.09 13.25
N PHE A 38 -24.52 -5.60 14.43
CA PHE A 38 -23.18 -5.16 14.77
C PHE A 38 -22.77 -3.92 13.98
N TRP A 39 -23.75 -3.15 13.52
CA TRP A 39 -23.58 -1.81 13.03
C TRP A 39 -24.24 -0.89 14.03
N PHE A 40 -23.50 0.09 14.49
CA PHE A 40 -24.03 1.02 15.46
C PHE A 40 -24.20 2.37 14.82
N ARG A 41 -25.34 2.97 15.13
CA ARG A 41 -25.61 4.33 14.77
C ARG A 41 -25.22 5.21 15.95
N GLY A 42 -24.36 6.17 15.64
CA GLY A 42 -23.81 7.02 16.66
C GLY A 42 -23.64 8.45 16.22
N PHE A 43 -23.25 9.22 17.21
CA PHE A 43 -22.91 10.62 17.09
C PHE A 43 -21.45 10.71 17.54
N ASN A 44 -20.60 11.16 16.64
CA ASN A 44 -19.23 11.51 17.00
C ASN A 44 -19.30 12.87 17.66
N MET A 45 -19.08 12.91 18.97
CA MET A 45 -19.25 14.13 19.74
C MET A 45 -18.14 15.13 19.39
N ARG A 46 -16.95 14.65 18.96
CA ARG A 46 -15.94 15.58 18.51
C ARG A 46 -16.30 16.26 17.20
N THR A 47 -16.77 15.50 16.20
CA THR A 47 -17.03 16.12 14.91
C THR A 47 -18.46 16.62 14.77
N GLY A 48 -19.37 16.18 15.65
CA GLY A 48 -20.77 16.52 15.57
C GLY A 48 -21.46 15.74 14.46
N GLU A 49 -20.82 14.74 13.86
CA GLU A 49 -21.44 13.96 12.79
C GLU A 49 -22.19 12.76 13.33
N ARG A 50 -23.14 12.25 12.54
CA ARG A 50 -23.95 11.10 12.90
C ARG A 50 -23.88 10.12 11.74
N GLY A 51 -23.95 8.83 12.08
CA GLY A 51 -23.90 7.82 11.06
C GLY A 51 -23.69 6.46 11.69
N VAL A 52 -23.38 5.48 10.86
CA VAL A 52 -23.24 4.13 11.37
C VAL A 52 -21.78 3.75 11.26
N PHE A 53 -21.41 2.79 12.10
CA PHE A 53 -20.06 2.26 12.03
C PHE A 53 -20.06 0.82 12.54
N PRO A 54 -19.02 0.05 12.22
CA PRO A 54 -18.92 -1.33 12.70
C PRO A 54 -18.72 -1.27 14.20
N ALA A 55 -19.54 -2.05 14.94
CA ALA A 55 -19.64 -1.88 16.39
C ALA A 55 -18.33 -2.08 17.14
N PHE A 56 -17.45 -2.98 16.67
CA PHE A 56 -16.24 -3.34 17.39
C PHE A 56 -15.20 -2.23 17.34
N TYR A 57 -15.47 -1.17 16.56
CA TYR A 57 -14.59 -0.01 16.58
C TYR A 57 -14.73 0.82 17.86
N ALA A 58 -15.77 0.58 18.64
CA ALA A 58 -16.05 1.44 19.78
C ALA A 58 -16.08 0.56 21.03
N HIS A 59 -15.50 1.09 22.10
CA HIS A 59 -15.54 0.42 23.39
C HIS A 59 -16.39 1.25 24.35
N ALA A 60 -17.27 0.57 25.10
CA ALA A 60 -18.15 1.27 26.03
C ALA A 60 -17.32 1.95 27.12
N VAL A 61 -17.70 3.17 27.47
CA VAL A 61 -17.08 3.88 28.57
C VAL A 61 -18.20 4.45 29.43
N PRO A 62 -17.96 4.72 30.73
CA PRO A 62 -19.02 5.22 31.60
C PRO A 62 -19.62 6.54 31.14
N GLY A 63 -18.85 7.40 30.50
CA GLY A 63 -19.42 8.70 30.19
C GLY A 63 -19.87 9.41 31.46
N GLY B 1 -5.35 10.55 -2.97
CA GLY B 1 -6.43 9.62 -2.60
C GLY B 1 -5.91 8.65 -1.54
N ARG B 2 -6.82 8.03 -0.78
CA ARG B 2 -6.43 7.03 0.21
C ARG B 2 -7.05 5.68 -0.15
N ARG B 3 -8.00 5.67 -1.09
CA ARG B 3 -8.84 4.52 -1.30
C ARG B 3 -8.32 3.73 -2.51
N GLU B 4 -8.04 4.46 -3.63
CA GLU B 4 -7.90 3.85 -4.94
C GLU B 4 -6.45 3.68 -5.38
N GLN B 5 -6.18 2.45 -5.83
CA GLN B 5 -4.97 2.10 -6.54
C GLN B 5 -4.76 2.99 -7.76
N THR B 6 -3.50 3.37 -7.96
CA THR B 6 -3.12 4.23 -9.06
C THR B 6 -2.20 3.49 -10.03
N HIS B 7 -1.44 2.53 -9.52
CA HIS B 7 -0.39 1.89 -10.32
C HIS B 7 -0.29 0.43 -9.95
N ARG B 8 0.48 -0.27 -10.79
CA ARG B 8 0.87 -1.64 -10.53
C ARG B 8 2.34 -1.78 -10.88
N ALA B 9 3.04 -2.58 -10.09
CA ALA B 9 4.47 -2.74 -10.25
C ALA B 9 4.73 -3.68 -11.43
N VAL B 10 5.67 -3.29 -12.30
CA VAL B 10 5.93 -4.08 -13.50
C VAL B 10 7.15 -4.98 -13.31
N PHE B 11 7.82 -4.85 -12.18
CA PHE B 11 9.06 -5.56 -11.91
C PHE B 11 9.29 -5.51 -10.41
N ARG B 12 10.00 -6.51 -9.88
CA ARG B 12 10.29 -6.54 -8.47
C ARG B 12 11.31 -5.47 -8.12
N PHE B 13 11.04 -4.75 -7.02
CA PHE B 13 11.96 -3.78 -6.51
C PHE B 13 12.25 -4.08 -5.04
N ILE B 14 13.52 -4.39 -4.76
CA ILE B 14 13.97 -4.69 -3.41
C ILE B 14 14.71 -3.49 -2.89
N PRO B 15 14.27 -2.91 -1.74
CA PRO B 15 14.94 -1.77 -1.13
C PRO B 15 16.40 -2.07 -0.81
N ARG B 16 17.23 -1.08 -1.14
CA ARG B 16 18.58 -1.02 -0.63
C ARG B 16 18.66 0.05 0.45
N HIS B 17 17.72 0.99 0.44
CA HIS B 17 17.78 2.12 1.34
C HIS B 17 16.58 2.04 2.27
N PRO B 18 16.75 2.51 3.54
CA PRO B 18 15.71 2.35 4.56
C PRO B 18 14.39 3.03 4.23
N ASP B 19 14.41 4.06 3.37
CA ASP B 19 13.20 4.83 3.07
C ASP B 19 12.39 4.25 1.88
N GLU B 20 12.88 3.15 1.27
CA GLU B 20 12.29 2.60 0.07
C GLU B 20 11.19 1.61 0.38
N LEU B 21 10.24 1.51 -0.55
CA LEU B 21 9.13 0.59 -0.44
C LEU B 21 9.44 -0.64 -1.28
N GLU B 22 9.26 -1.83 -0.68
CA GLU B 22 9.45 -3.03 -1.44
C GLU B 22 8.23 -3.30 -2.31
N LEU B 23 8.51 -3.71 -3.55
CA LEU B 23 7.48 -4.05 -4.51
C LEU B 23 7.82 -5.42 -5.06
N ASP B 24 6.84 -6.31 -5.06
CA ASP B 24 6.91 -7.49 -5.88
C ASP B 24 6.30 -7.18 -7.24
N VAL B 25 6.73 -7.89 -8.29
CA VAL B 25 6.07 -7.77 -9.58
C VAL B 25 4.55 -7.95 -9.40
N ASP B 26 3.80 -7.04 -10.01
CA ASP B 26 2.35 -7.02 -10.12
C ASP B 26 1.71 -6.49 -8.85
N ASP B 27 2.49 -5.97 -7.90
CA ASP B 27 1.91 -5.43 -6.69
C ASP B 27 1.11 -4.18 -7.02
N PRO B 28 -0.10 -4.04 -6.43
CA PRO B 28 -0.88 -2.83 -6.56
C PRO B 28 -0.26 -1.74 -5.68
N VAL B 29 -0.25 -0.52 -6.20
CA VAL B 29 0.36 0.60 -5.53
C VAL B 29 -0.58 1.80 -5.60
N LEU B 30 -0.65 2.52 -4.49
CA LEU B 30 -1.25 3.83 -4.49
C LEU B 30 -0.10 4.83 -4.39
N VAL B 31 0.11 5.61 -5.45
CA VAL B 31 1.16 6.62 -5.47
C VAL B 31 0.61 7.92 -4.89
N GLU B 32 1.26 8.38 -3.81
CA GLU B 32 0.82 9.58 -3.10
C GLU B 32 1.44 10.82 -3.72
N ALA B 33 2.72 10.73 -4.10
CA ALA B 33 3.46 11.94 -4.44
C ALA B 33 4.75 11.57 -5.12
N GLU B 34 5.34 12.58 -5.75
CA GLU B 34 6.69 12.51 -6.23
C GLU B 34 7.54 13.30 -5.24
N GLU B 35 8.67 12.74 -4.84
CA GLU B 35 9.62 13.42 -4.00
C GLU B 35 10.75 13.91 -4.91
N ASP B 36 11.92 13.31 -4.78
CA ASP B 36 12.96 13.52 -5.76
C ASP B 36 12.34 13.23 -7.13
N ASP B 37 12.82 13.89 -8.19
CA ASP B 37 12.28 13.65 -9.52
C ASP B 37 12.36 12.17 -9.85
N PHE B 38 11.21 11.66 -10.32
CA PHE B 38 11.01 10.27 -10.70
C PHE B 38 11.28 9.31 -9.56
N TRP B 39 11.14 9.81 -8.31
CA TRP B 39 10.96 8.95 -7.14
C TRP B 39 9.54 9.15 -6.64
N PHE B 40 8.81 8.06 -6.49
CA PHE B 40 7.43 8.13 -6.04
C PHE B 40 7.38 7.68 -4.59
N ARG B 41 6.57 8.38 -3.80
CA ARG B 41 6.15 7.87 -2.50
C ARG B 41 4.83 7.15 -2.72
N GLY B 42 4.82 5.91 -2.30
CA GLY B 42 3.64 5.11 -2.45
C GLY B 42 3.31 4.23 -1.25
N PHE B 43 2.21 3.53 -1.43
CA PHE B 43 1.68 2.59 -0.48
C PHE B 43 1.49 1.31 -1.27
N ASN B 44 2.13 0.25 -0.80
CA ASN B 44 1.98 -1.03 -1.44
C ASN B 44 0.70 -1.64 -0.88
N MET B 45 -0.33 -1.77 -1.72
CA MET B 45 -1.64 -2.15 -1.26
C MET B 45 -1.77 -3.66 -1.04
N ARG B 46 -0.77 -4.46 -1.44
CA ARG B 46 -0.75 -5.84 -0.99
C ARG B 46 -0.23 -5.92 0.44
N THR B 47 0.89 -5.26 0.73
CA THR B 47 1.62 -5.43 1.99
C THR B 47 1.26 -4.38 3.04
N GLY B 48 0.63 -3.28 2.63
CA GLY B 48 0.36 -2.14 3.49
C GLY B 48 1.59 -1.32 3.88
N GLU B 49 2.74 -1.52 3.20
CA GLU B 49 3.93 -0.74 3.51
C GLU B 49 3.95 0.54 2.67
N ARG B 50 4.66 1.54 3.18
CA ARG B 50 4.75 2.85 2.58
C ARG B 50 6.24 3.13 2.44
N GLY B 51 6.60 3.83 1.36
CA GLY B 51 7.98 4.22 1.15
C GLY B 51 8.11 4.76 -0.27
N VAL B 52 9.34 5.04 -0.66
CA VAL B 52 9.61 5.62 -1.97
C VAL B 52 10.19 4.52 -2.85
N PHE B 53 10.03 4.72 -4.16
CA PHE B 53 10.63 3.83 -5.12
C PHE B 53 10.84 4.58 -6.44
N PRO B 54 11.72 4.05 -7.30
CA PRO B 54 12.05 4.65 -8.61
C PRO B 54 10.82 4.49 -9.48
N ALA B 55 10.34 5.60 -10.02
CA ALA B 55 9.02 5.76 -10.59
C ALA B 55 8.71 4.74 -11.68
N PHE B 56 9.70 4.35 -12.49
CA PHE B 56 9.42 3.54 -13.65
C PHE B 56 9.11 2.08 -13.29
N TYR B 57 9.21 1.71 -12.00
CA TYR B 57 8.71 0.41 -11.56
C TYR B 57 7.19 0.35 -11.59
N ALA B 58 6.54 1.51 -11.62
CA ALA B 58 5.08 1.57 -11.46
C ALA B 58 4.45 2.02 -12.78
N HIS B 59 3.40 1.34 -13.17
CA HIS B 59 2.66 1.70 -14.37
C HIS B 59 1.21 2.01 -13.97
N ALA B 60 0.67 3.11 -14.52
CA ALA B 60 -0.67 3.58 -14.19
C ALA B 60 -1.73 2.58 -14.64
N VAL B 61 -2.65 2.32 -13.70
CA VAL B 61 -3.76 1.41 -13.94
C VAL B 61 -5.00 2.06 -13.37
N PRO B 62 -6.19 1.77 -13.91
CA PRO B 62 -7.40 2.40 -13.37
C PRO B 62 -7.68 1.87 -11.96
N GLY B 63 -8.24 2.73 -11.13
CA GLY B 63 -8.57 2.33 -9.78
C GLY B 63 -9.88 1.58 -9.72
N GLY C 1 41.07 -2.24 -26.85
CA GLY C 1 40.49 -0.90 -26.71
C GLY C 1 39.72 -0.77 -25.39
N ARG C 2 38.98 0.33 -25.26
CA ARG C 2 38.19 0.54 -24.06
C ARG C 2 37.24 -0.63 -23.86
N ARG C 3 36.91 -0.96 -22.61
CA ARG C 3 35.87 -1.95 -22.40
C ARG C 3 34.54 -1.44 -22.96
N GLU C 4 33.75 -2.36 -23.49
CA GLU C 4 32.46 -1.99 -24.02
C GLU C 4 31.45 -1.98 -22.88
N GLN C 5 30.49 -1.08 -22.99
CA GLN C 5 29.29 -1.16 -22.19
C GLN C 5 28.74 -2.58 -22.17
N THR C 6 28.19 -2.95 -21.02
CA THR C 6 27.45 -4.17 -20.82
C THR C 6 25.94 -3.91 -20.96
N HIS C 7 25.53 -2.68 -20.65
CA HIS C 7 24.12 -2.32 -20.56
C HIS C 7 23.86 -0.94 -21.14
N ARG C 8 22.57 -0.67 -21.38
CA ARG C 8 22.07 0.66 -21.67
C ARG C 8 20.99 0.98 -20.65
N ALA C 9 21.02 2.20 -20.13
CA ALA C 9 19.95 2.63 -19.24
C ALA C 9 18.66 2.74 -20.07
N VAL C 10 17.56 2.35 -19.47
CA VAL C 10 16.30 2.39 -20.20
CA VAL C 10 16.26 2.33 -20.15
C VAL C 10 15.38 3.46 -19.61
N PHE C 11 15.70 3.97 -18.39
CA PHE C 11 14.88 5.00 -17.79
C PHE C 11 15.76 6.07 -17.17
N ARG C 12 15.16 7.26 -17.06
CA ARG C 12 15.77 8.37 -16.38
C ARG C 12 15.81 8.11 -14.86
N PHE C 13 16.99 8.29 -14.26
CA PHE C 13 17.18 7.96 -12.86
C PHE C 13 18.01 9.07 -12.20
N ILE C 14 17.35 9.80 -11.30
CA ILE C 14 17.93 10.86 -10.53
C ILE C 14 18.28 10.30 -9.15
N PRO C 15 19.55 10.34 -8.74
CA PRO C 15 19.93 9.85 -7.41
C PRO C 15 19.13 10.57 -6.33
N ARG C 16 18.51 9.79 -5.46
CA ARG C 16 17.98 10.31 -4.21
C ARG C 16 19.00 10.05 -3.10
N HIS C 17 19.71 8.92 -3.20
CA HIS C 17 20.68 8.55 -2.19
C HIS C 17 22.07 8.70 -2.78
N PRO C 18 23.06 9.04 -1.93
CA PRO C 18 24.41 9.38 -2.41
C PRO C 18 25.22 8.25 -3.06
N ASP C 19 24.79 7.00 -2.90
CA ASP C 19 25.44 5.87 -3.56
C ASP C 19 24.94 5.65 -4.99
N GLU C 20 23.96 6.44 -5.44
CA GLU C 20 23.26 6.10 -6.66
C GLU C 20 23.96 6.72 -7.87
N LEU C 21 23.89 6.00 -9.00
CA LEU C 21 24.39 6.45 -10.28
C LEU C 21 23.26 7.12 -11.07
N GLU C 22 23.46 8.37 -11.48
CA GLU C 22 22.49 9.07 -12.31
C GLU C 22 22.54 8.50 -13.72
N LEU C 23 21.35 8.26 -14.27
CA LEU C 23 21.17 7.71 -15.59
C LEU C 23 20.24 8.60 -16.41
N ASP C 24 20.64 8.85 -17.65
CA ASP C 24 19.75 9.27 -18.70
C ASP C 24 19.45 8.07 -19.57
N VAL C 25 18.29 8.15 -20.24
CA VAL C 25 17.84 7.08 -21.11
C VAL C 25 18.90 6.88 -22.19
N ASP C 26 19.25 5.61 -22.36
CA ASP C 26 20.21 5.14 -23.33
C ASP C 26 21.65 5.41 -22.92
N ASP C 27 21.90 5.82 -21.67
CA ASP C 27 23.29 5.94 -21.26
C ASP C 27 23.99 4.59 -21.31
N PRO C 28 25.24 4.56 -21.85
CA PRO C 28 26.03 3.32 -21.84
C PRO C 28 26.54 3.08 -20.42
N VAL C 29 26.41 1.86 -19.94
CA VAL C 29 26.81 1.54 -18.59
C VAL C 29 27.68 0.30 -18.65
N LEU C 30 28.80 0.35 -17.94
CA LEU C 30 29.59 -0.84 -17.69
C LEU C 30 29.23 -1.34 -16.30
N VAL C 31 28.49 -2.46 -16.25
CA VAL C 31 28.04 -3.01 -14.98
C VAL C 31 29.07 -4.02 -14.51
N GLU C 32 29.54 -3.85 -13.26
CA GLU C 32 30.57 -4.68 -12.69
CA GLU C 32 30.59 -4.68 -12.68
C GLU C 32 30.00 -5.58 -11.59
N ALA C 33 28.75 -5.34 -11.18
CA ALA C 33 28.14 -6.21 -10.19
C ALA C 33 26.62 -6.18 -10.35
N GLU C 34 26.01 -7.36 -10.37
CA GLU C 34 24.56 -7.47 -10.22
C GLU C 34 24.27 -8.09 -8.87
N GLU C 35 23.87 -7.26 -7.91
CA GLU C 35 23.90 -7.65 -6.52
C GLU C 35 22.57 -8.32 -6.19
N ASP C 36 22.52 -9.02 -5.05
CA ASP C 36 21.43 -9.93 -4.71
C ASP C 36 20.11 -9.17 -4.55
N ASP C 37 20.15 -7.88 -4.23
CA ASP C 37 18.95 -7.07 -4.01
C ASP C 37 18.50 -6.40 -5.32
N PHE C 38 18.94 -6.95 -6.48
CA PHE C 38 18.56 -6.44 -7.78
C PHE C 38 18.89 -4.96 -7.91
N TRP C 39 20.04 -4.56 -7.32
CA TRP C 39 20.66 -3.31 -7.68
C TRP C 39 21.97 -3.65 -8.41
N PHE C 40 22.26 -2.85 -9.43
CA PHE C 40 23.48 -3.03 -10.20
C PHE C 40 24.47 -1.96 -9.79
N ARG C 41 25.76 -2.30 -9.88
CA ARG C 41 26.82 -1.36 -9.65
C ARG C 41 27.54 -1.19 -10.98
N GLY C 42 27.75 0.05 -11.38
CA GLY C 42 28.59 0.22 -12.53
C GLY C 42 29.00 1.65 -12.80
N PHE C 43 29.43 1.80 -14.04
CA PHE C 43 30.14 2.96 -14.50
C PHE C 43 29.31 3.48 -15.66
N ASN C 44 28.89 4.74 -15.55
CA ASN C 44 28.20 5.42 -16.62
C ASN C 44 29.27 5.96 -17.57
N MET C 45 29.35 5.36 -18.75
CA MET C 45 30.43 5.66 -19.66
C MET C 45 30.23 7.02 -20.32
N ARG C 46 29.01 7.59 -20.22
CA ARG C 46 28.79 8.93 -20.73
C ARG C 46 29.26 9.98 -19.74
N THR C 47 28.91 9.83 -18.45
CA THR C 47 29.10 10.87 -17.46
C THR C 47 30.42 10.66 -16.70
N GLY C 48 30.97 9.45 -16.77
CA GLY C 48 32.20 9.09 -16.08
C GLY C 48 31.95 8.81 -14.59
N GLU C 49 30.67 8.72 -14.18
CA GLU C 49 30.38 8.48 -12.77
C GLU C 49 30.14 7.00 -12.51
N ARG C 50 30.21 6.64 -11.23
CA ARG C 50 29.96 5.27 -10.80
C ARG C 50 28.95 5.31 -9.66
N GLY C 51 28.27 4.21 -9.47
CA GLY C 51 27.31 4.13 -8.38
C GLY C 51 26.37 2.97 -8.64
N VAL C 52 25.27 2.92 -7.89
CA VAL C 52 24.35 1.81 -7.99
C VAL C 52 23.04 2.33 -8.55
N PHE C 53 22.30 1.41 -9.12
CA PHE C 53 21.00 1.78 -9.65
C PHE C 53 20.17 0.51 -9.71
N PRO C 54 18.84 0.65 -9.86
CA PRO C 54 17.97 -0.50 -9.84
C PRO C 54 18.09 -1.34 -11.11
N ALA C 55 18.10 -2.65 -10.95
CA ALA C 55 18.31 -3.58 -12.05
C ALA C 55 17.39 -3.31 -13.24
N PHE C 56 16.13 -2.92 -12.96
CA PHE C 56 15.12 -2.73 -13.99
C PHE C 56 15.52 -1.61 -14.96
N TYR C 57 16.43 -0.75 -14.52
CA TYR C 57 16.65 0.50 -15.20
C TYR C 57 17.73 0.32 -16.28
N ALA C 58 18.25 -0.90 -16.44
CA ALA C 58 19.23 -1.13 -17.50
C ALA C 58 18.92 -2.43 -18.21
N HIS C 59 19.14 -2.46 -19.52
N HIS C 59 19.30 -2.46 -19.48
CA HIS C 59 19.04 -3.68 -20.30
CA HIS C 59 19.06 -3.57 -20.38
C HIS C 59 20.42 -4.03 -20.83
C HIS C 59 20.43 -4.02 -20.90
N ALA C 60 20.72 -5.32 -20.77
CA ALA C 60 21.95 -5.87 -21.32
C ALA C 60 21.98 -5.64 -22.82
N VAL C 61 23.15 -5.27 -23.34
CA VAL C 61 23.34 -5.17 -24.76
C VAL C 61 23.81 -6.54 -25.27
N PRO C 62 23.26 -7.04 -26.41
CA PRO C 62 23.78 -8.24 -27.07
C PRO C 62 25.27 -8.58 -26.85
N GLU D 4 -3.04 -18.88 -0.50
CA GLU D 4 -2.19 -18.47 0.67
C GLU D 4 -2.95 -17.44 1.52
N GLN D 5 -3.55 -17.92 2.61
CA GLN D 5 -4.19 -17.06 3.60
C GLN D 5 -3.25 -15.96 4.07
N THR D 6 -3.75 -14.73 4.19
CA THR D 6 -2.91 -13.65 4.69
C THR D 6 -3.37 -13.20 6.08
N HIS D 7 -4.67 -13.33 6.34
CA HIS D 7 -5.26 -12.72 7.53
C HIS D 7 -6.29 -13.68 8.11
N ARG D 8 -6.71 -13.41 9.34
CA ARG D 8 -7.88 -14.08 9.88
C ARG D 8 -8.83 -13.01 10.46
N ALA D 9 -10.14 -13.23 10.31
CA ALA D 9 -11.12 -12.30 10.82
C ALA D 9 -11.14 -12.47 12.34
N ILE D 10 -11.21 -11.36 13.04
CA ILE D 10 -11.25 -11.40 14.49
C ILE D 10 -12.57 -10.88 15.04
N PHE D 11 -13.40 -10.26 14.20
CA PHE D 11 -14.72 -9.80 14.65
C PHE D 11 -15.76 -10.25 13.65
N ARG D 12 -16.97 -10.48 14.16
CA ARG D 12 -18.13 -10.69 13.31
C ARG D 12 -18.50 -9.43 12.54
N PHE D 13 -18.63 -9.62 11.22
CA PHE D 13 -18.97 -8.53 10.32
C PHE D 13 -20.10 -8.95 9.40
N VAL D 14 -21.27 -8.33 9.62
CA VAL D 14 -22.44 -8.53 8.82
C VAL D 14 -22.54 -7.39 7.83
N PRO D 15 -22.44 -7.64 6.51
CA PRO D 15 -22.54 -6.56 5.53
C PRO D 15 -23.83 -5.74 5.69
N ARG D 16 -23.64 -4.43 5.64
CA ARG D 16 -24.74 -3.48 5.48
C ARG D 16 -24.78 -2.99 4.03
N HIS D 17 -23.64 -3.05 3.34
CA HIS D 17 -23.47 -2.40 2.05
C HIS D 17 -23.13 -3.48 1.02
N GLU D 18 -23.41 -3.20 -0.24
CA GLU D 18 -23.39 -4.23 -1.26
C GLU D 18 -21.96 -4.72 -1.54
N ASP D 19 -20.94 -3.89 -1.29
CA ASP D 19 -19.57 -4.22 -1.64
C ASP D 19 -18.83 -4.98 -0.51
N GLU D 20 -19.48 -5.20 0.63
CA GLU D 20 -18.83 -5.69 1.83
C GLU D 20 -18.76 -7.21 1.84
N LEU D 21 -17.71 -7.69 2.49
CA LEU D 21 -17.43 -9.10 2.69
C LEU D 21 -17.87 -9.51 4.08
N GLU D 22 -18.75 -10.50 4.14
CA GLU D 22 -19.16 -11.01 5.43
C GLU D 22 -18.03 -11.82 6.08
N LEU D 23 -17.87 -11.63 7.39
CA LEU D 23 -16.83 -12.28 8.18
C LEU D 23 -17.48 -12.90 9.39
N GLU D 24 -17.14 -14.17 9.63
CA GLU D 24 -17.27 -14.80 10.93
C GLU D 24 -15.90 -14.84 11.58
N VAL D 25 -15.93 -14.78 12.90
CA VAL D 25 -14.70 -14.82 13.66
C VAL D 25 -13.88 -16.04 13.23
N ASP D 26 -12.58 -15.80 12.97
CA ASP D 26 -11.60 -16.81 12.56
C ASP D 26 -11.66 -17.13 11.08
N ASP D 27 -12.53 -16.49 10.28
CA ASP D 27 -12.56 -16.85 8.87
C ASP D 27 -11.19 -16.60 8.28
N PRO D 28 -10.69 -17.57 7.49
CA PRO D 28 -9.44 -17.39 6.77
C PRO D 28 -9.61 -16.39 5.62
N LEU D 29 -8.68 -15.44 5.48
CA LEU D 29 -8.86 -14.40 4.47
C LEU D 29 -7.60 -14.26 3.62
N LEU D 30 -7.83 -14.02 2.33
CA LEU D 30 -6.79 -13.58 1.44
CA LEU D 30 -6.80 -13.59 1.41
C LEU D 30 -7.05 -12.11 1.11
N VAL D 31 -6.24 -11.25 1.73
CA VAL D 31 -6.34 -9.82 1.53
C VAL D 31 -5.52 -9.45 0.30
N GLU D 32 -6.24 -8.92 -0.70
CA GLU D 32 -5.68 -8.54 -1.99
C GLU D 32 -5.34 -7.06 -2.00
N LEU D 33 -6.09 -6.24 -1.23
CA LEU D 33 -5.90 -4.80 -1.28
C LEU D 33 -6.09 -4.25 0.13
N GLN D 34 -5.05 -3.65 0.67
CA GLN D 34 -5.14 -2.84 1.86
C GLN D 34 -5.12 -1.39 1.38
N ALA D 35 -6.16 -0.62 1.66
CA ALA D 35 -6.18 0.75 1.17
C ALA D 35 -5.85 1.71 2.32
N GLU D 36 -5.51 2.96 1.99
CA GLU D 36 -5.12 3.92 3.03
C GLU D 36 -6.35 4.49 3.73
N ASP D 37 -7.58 4.12 3.30
CA ASP D 37 -8.78 4.42 4.11
C ASP D 37 -9.08 3.30 5.11
N TYR D 38 -8.19 2.31 5.24
CA TYR D 38 -8.27 1.31 6.29
C TYR D 38 -9.49 0.41 6.04
N TRP D 39 -9.83 0.23 4.77
CA TRP D 39 -10.63 -0.91 4.36
C TRP D 39 -9.75 -1.88 3.62
N TYR D 40 -10.06 -3.17 3.80
CA TYR D 40 -9.38 -4.20 3.06
C TYR D 40 -10.34 -4.84 2.07
N GLU D 41 -9.76 -5.31 0.97
CA GLU D 41 -10.51 -6.06 -0.01
C GLU D 41 -9.91 -7.46 -0.05
N ALA D 42 -10.79 -8.44 0.11
CA ALA D 42 -10.36 -9.80 0.35
C ALA D 42 -11.31 -10.82 -0.28
N TYR D 43 -10.74 -12.01 -0.35
CA TYR D 43 -11.41 -13.26 -0.59
C TYR D 43 -11.54 -14.00 0.74
N ASN D 44 -12.78 -14.30 1.11
CA ASN D 44 -13.06 -15.10 2.28
C ASN D 44 -12.86 -16.55 1.89
N MET D 45 -11.83 -17.18 2.45
CA MET D 45 -11.45 -18.48 1.98
C MET D 45 -12.42 -19.55 2.48
N ARG D 46 -13.30 -19.22 3.44
CA ARG D 46 -14.33 -20.16 3.88
C ARG D 46 -15.53 -20.10 2.94
N THR D 47 -16.03 -18.90 2.65
CA THR D 47 -17.29 -18.74 1.99
C THR D 47 -17.09 -18.63 0.48
N GLY D 48 -15.86 -18.34 0.02
CA GLY D 48 -15.62 -18.12 -1.39
C GLY D 48 -16.03 -16.74 -1.88
N ALA D 49 -16.50 -15.86 -0.97
CA ALA D 49 -16.95 -14.53 -1.32
C ALA D 49 -15.79 -13.55 -1.35
N ARG D 50 -16.03 -12.42 -2.02
CA ARG D 50 -15.07 -11.34 -2.15
C ARG D 50 -15.78 -10.03 -1.81
N GLY D 51 -15.04 -9.13 -1.19
CA GLY D 51 -15.59 -7.85 -0.83
C GLY D 51 -14.63 -7.11 0.07
N VAL D 52 -15.15 -6.01 0.62
CA VAL D 52 -14.36 -5.12 1.45
C VAL D 52 -14.88 -5.20 2.89
N PHE D 53 -13.97 -4.93 3.81
CA PHE D 53 -14.29 -4.92 5.22
C PHE D 53 -13.29 -4.02 5.93
N PRO D 54 -13.63 -3.55 7.14
CA PRO D 54 -12.80 -2.60 7.86
C PRO D 54 -11.55 -3.28 8.42
N ALA D 55 -10.41 -2.58 8.29
CA ALA D 55 -9.09 -3.14 8.54
C ALA D 55 -8.93 -3.78 9.91
N TYR D 56 -9.55 -3.16 10.94
CA TYR D 56 -9.44 -3.62 12.31
C TYR D 56 -9.99 -5.04 12.47
N TYR D 57 -10.85 -5.49 11.54
CA TYR D 57 -11.59 -6.74 11.68
C TYR D 57 -10.78 -7.96 11.24
N ALA D 58 -9.53 -7.74 10.85
CA ALA D 58 -8.65 -8.85 10.50
C ALA D 58 -7.23 -8.57 11.02
N ILE D 59 -6.52 -9.66 11.32
CA ILE D 59 -5.12 -9.58 11.73
C ILE D 59 -4.36 -10.51 10.80
N GLU D 60 -3.07 -10.24 10.63
CA GLU D 60 -2.22 -11.06 9.77
C GLU D 60 -1.96 -12.39 10.44
N VAL D 61 -1.83 -13.48 9.66
CA VAL D 61 -1.43 -14.75 10.24
C VAL D 61 0.09 -14.99 10.06
#